data_3QA2
#
_entry.id   3QA2
#
_cell.length_a   82.851
_cell.length_b   86.546
_cell.length_c   137.453
_cell.angle_alpha   90.00
_cell.angle_beta   90.00
_cell.angle_gamma   90.00
#
_symmetry.space_group_name_H-M   'P 21 21 21'
#
loop_
_entity.id
_entity.type
_entity.pdbx_description
1 polymer Ketohexokinase
2 non-polymer 'SULFATE ION'
3 non-polymer N~8~-(cyclopropylmethyl)-N~4~-(2-methylphenyl)-2-(piperazin-1-yl)pyrimido[5,4-d]pyrimidine-4,8-diamine
4 water water
#
_entity_poly.entity_id   1
_entity_poly.type   'polypeptide(L)'
_entity_poly.pdbx_seq_one_letter_code
;MGSSHHHHHHSSGLVPRGSQILCVGLVVLDVISLVDKYPKEDSEIRCLSQRWQRGGNASNSCTVLSLLGAPCAFMGSMAP
GHVADFLVADFRRRGVDVSQVAWQSKGDTPSSCCIINNSNGNRTIVLHDTSLPDVSATDFEKVDLTQFKWIHIEGRNASE
QVKMLQRIDAHNTRQPPEQKIRVSVEVEKPREELFQLFGYGDVVFVSKDVAKHLGFQSAEEALRGLYGRVRKGAVLVCAW
AEEGADALGPDGKLLHSDAFPPPRVVDTLGAGDTFNASVIFSLSQGRSVQEALRFGCQVAGKKCGLQGFDGIV
;
_entity_poly.pdbx_strand_id   A,B
#
# COMPACT_ATOMS: atom_id res chain seq x y z
N ARG A 17 -37.43 9.71 16.53
CA ARG A 17 -36.77 10.25 15.35
C ARG A 17 -36.39 9.12 14.38
N GLY A 18 -35.44 8.29 14.83
CA GLY A 18 -35.04 7.05 14.19
C GLY A 18 -35.08 6.86 12.67
N SER A 19 -34.32 7.66 11.93
CA SER A 19 -34.27 7.51 10.48
C SER A 19 -32.96 6.85 10.02
N GLN A 20 -32.03 6.66 10.94
CA GLN A 20 -30.69 6.22 10.55
C GLN A 20 -30.34 4.80 10.96
N ILE A 21 -29.48 4.16 10.18
CA ILE A 21 -28.92 2.88 10.58
C ILE A 21 -27.50 3.10 11.05
N LEU A 22 -27.16 2.53 12.19
CA LEU A 22 -25.83 2.70 12.76
C LEU A 22 -25.03 1.41 12.62
N CYS A 23 -23.80 1.54 12.13
CA CYS A 23 -22.89 0.41 12.09
C CYS A 23 -21.70 0.68 12.99
N VAL A 24 -21.38 -0.28 13.84
CA VAL A 24 -20.29 -0.16 14.79
C VAL A 24 -19.23 -1.20 14.49
N GLY A 25 -18.01 -0.76 14.17
CA GLY A 25 -16.91 -1.67 13.91
C GLY A 25 -15.66 -0.93 13.49
N LEU A 26 -15.01 -1.41 12.44
CA LEU A 26 -13.71 -0.87 12.01
C LEU A 26 -13.80 0.04 10.81
N VAL A 27 -12.88 1.01 10.77
CA VAL A 27 -12.58 1.67 9.52
C VAL A 27 -11.07 1.53 9.29
N VAL A 28 -10.72 1.00 8.13
CA VAL A 28 -9.35 0.67 7.81
C VAL A 28 -9.03 1.26 6.46
N LEU A 29 -7.79 1.72 6.27
CA LEU A 29 -7.37 2.17 4.96
C LEU A 29 -6.89 0.95 4.16
N ASP A 30 -7.54 0.73 3.03
CA ASP A 30 -7.23 -0.41 2.18
C ASP A 30 -6.34 0.08 1.05
N VAL A 31 -5.08 -0.33 1.08
CA VAL A 31 -4.18 -0.01 -0.02
C VAL A 31 -4.18 -1.19 -1.00
N ILE A 32 -4.73 -0.97 -2.18
CA ILE A 32 -5.14 -2.07 -3.05
C ILE A 32 -4.26 -2.20 -4.30
N SER A 33 -3.92 -3.44 -4.62
CA SER A 33 -3.17 -3.71 -5.83
C SER A 33 -3.91 -4.75 -6.64
N LEU A 34 -4.22 -4.39 -7.87
CA LEU A 34 -4.90 -5.30 -8.76
C LEU A 34 -3.86 -5.97 -9.65
N VAL A 35 -3.71 -7.28 -9.47
CA VAL A 35 -2.77 -8.09 -10.25
C VAL A 35 -3.58 -9.05 -11.11
N ASP A 36 -2.97 -9.67 -12.10
CA ASP A 36 -3.72 -10.67 -12.87
C ASP A 36 -3.48 -12.12 -12.45
N LYS A 37 -2.42 -12.36 -11.68
CA LYS A 37 -2.29 -13.64 -11.02
C LYS A 37 -1.67 -13.47 -9.64
N TYR A 38 -2.04 -14.33 -8.71
CA TYR A 38 -1.52 -14.22 -7.36
C TYR A 38 -0.05 -14.63 -7.38
N PRO A 39 0.85 -13.76 -6.90
CA PRO A 39 2.28 -14.01 -7.09
C PRO A 39 2.79 -15.18 -6.25
N LYS A 40 3.65 -16.03 -6.81
CA LYS A 40 4.28 -17.12 -6.05
C LYS A 40 5.33 -16.59 -5.08
N GLU A 41 5.35 -17.13 -3.86
CA GLU A 41 6.25 -16.62 -2.83
C GLU A 41 7.70 -16.44 -3.31
N ASP A 42 8.28 -15.30 -3.00
CA ASP A 42 9.67 -15.01 -3.35
C ASP A 42 9.77 -14.46 -4.77
N SER A 43 8.68 -14.50 -5.51
CA SER A 43 8.64 -13.94 -6.85
C SER A 43 8.25 -12.46 -6.86
N GLU A 44 8.16 -11.90 -8.06
CA GLU A 44 7.80 -10.51 -8.18
C GLU A 44 6.97 -10.22 -9.43
N ILE A 45 5.82 -9.56 -9.26
CA ILE A 45 4.95 -9.26 -10.40
C ILE A 45 4.60 -7.79 -10.43
N ARG A 46 4.15 -7.31 -11.58
CA ARG A 46 3.70 -5.94 -11.69
C ARG A 46 2.18 -5.89 -11.69
N CYS A 47 1.64 -4.96 -10.91
CA CYS A 47 0.20 -4.87 -10.79
C CYS A 47 -0.35 -4.09 -11.97
N LEU A 48 -1.55 -4.45 -12.37
CA LEU A 48 -2.30 -3.78 -13.43
C LEU A 48 -2.65 -2.33 -13.05
N SER A 49 -3.11 -2.13 -11.82
CA SER A 49 -3.51 -0.81 -11.31
C SER A 49 -3.55 -0.83 -9.78
N GLN A 50 -3.65 0.35 -9.18
CA GLN A 50 -3.68 0.43 -7.73
C GLN A 50 -4.62 1.54 -7.27
N ARG A 51 -5.05 1.47 -6.03
CA ARG A 51 -5.94 2.49 -5.51
C ARG A 51 -6.06 2.38 -4.01
N TRP A 52 -6.66 3.41 -3.41
CA TRP A 52 -6.89 3.47 -1.98
C TRP A 52 -8.37 3.36 -1.75
N GLN A 53 -8.77 2.61 -0.73
CA GLN A 53 -10.19 2.50 -0.45
C GLN A 53 -10.43 2.59 1.03
N ARG A 54 -11.51 3.28 1.41
CA ARG A 54 -11.99 3.21 2.78
C ARG A 54 -12.60 1.84 3.01
N GLY A 55 -11.99 1.05 3.89
CA GLY A 55 -12.43 -0.30 4.16
C GLY A 55 -12.68 -0.58 5.63
N GLY A 56 -12.60 -1.84 6.03
CA GLY A 56 -13.04 -2.25 7.35
C GLY A 56 -14.50 -2.64 7.23
N ASN A 57 -14.97 -3.58 8.02
CA ASN A 57 -16.30 -4.11 7.74
C ASN A 57 -17.46 -3.11 7.96
N ALA A 58 -17.61 -2.59 9.17
CA ALA A 58 -18.70 -1.65 9.43
C ALA A 58 -18.66 -0.48 8.44
N SER A 59 -17.45 -0.04 8.12
CA SER A 59 -17.24 1.06 7.17
C SER A 59 -17.78 0.71 5.78
N ASN A 60 -17.46 -0.49 5.29
CA ASN A 60 -17.91 -0.94 3.97
C ASN A 60 -19.42 -1.00 3.83
N SER A 61 -20.06 -1.49 4.88
CA SER A 61 -21.50 -1.59 4.91
C SER A 61 -22.12 -0.20 4.85
N CYS A 62 -21.49 0.75 5.52
CA CYS A 62 -21.98 2.13 5.50
C CYS A 62 -21.94 2.68 4.08
N THR A 63 -20.84 2.39 3.39
CA THR A 63 -20.72 2.72 1.98
C THR A 63 -21.92 2.17 1.21
N VAL A 64 -22.29 0.93 1.51
CA VAL A 64 -23.31 0.21 0.76
C VAL A 64 -24.71 0.70 1.10
N LEU A 65 -24.97 0.83 2.39
CA LEU A 65 -26.19 1.47 2.87
C LEU A 65 -26.40 2.84 2.22
N SER A 66 -25.36 3.67 2.24
CA SER A 66 -25.41 4.97 1.59
C SER A 66 -25.81 4.87 0.13
N LEU A 67 -25.14 3.98 -0.61
CA LEU A 67 -25.38 3.88 -2.03
C LEU A 67 -26.81 3.43 -2.31
N LEU A 68 -27.40 2.70 -1.37
CA LEU A 68 -28.75 2.19 -1.53
C LEU A 68 -29.81 3.24 -1.20
N GLY A 69 -29.36 4.38 -0.64
CA GLY A 69 -30.24 5.47 -0.27
C GLY A 69 -30.58 5.56 1.21
N ALA A 70 -30.11 4.61 2.02
CA ALA A 70 -30.42 4.61 3.44
C ALA A 70 -29.54 5.55 4.25
N PRO A 71 -30.13 6.54 4.91
CA PRO A 71 -29.32 7.42 5.78
C PRO A 71 -28.68 6.59 6.87
N CYS A 72 -27.37 6.70 7.04
CA CYS A 72 -26.66 5.86 8.01
C CYS A 72 -25.51 6.59 8.70
N ALA A 73 -25.01 5.99 9.77
CA ALA A 73 -23.93 6.55 10.54
C ALA A 73 -22.95 5.46 10.93
N PHE A 74 -21.67 5.82 10.93
CA PHE A 74 -20.60 4.92 11.36
C PHE A 74 -20.17 5.29 12.75
N MET A 75 -19.74 4.29 13.50
CA MET A 75 -19.13 4.52 14.79
C MET A 75 -17.97 3.57 15.01
N GLY A 76 -16.78 4.13 15.10
CA GLY A 76 -15.59 3.36 15.43
C GLY A 76 -14.49 4.30 15.87
N SER A 77 -13.35 3.73 16.23
CA SER A 77 -12.20 4.52 16.66
C SER A 77 -11.33 4.94 15.49
N MET A 78 -10.98 6.22 15.44
CA MET A 78 -10.03 6.74 14.47
C MET A 78 -9.00 7.64 15.15
N ALA A 79 -7.77 7.64 14.66
CA ALA A 79 -6.72 8.49 15.21
C ALA A 79 -6.40 9.62 14.26
N PRO A 80 -6.49 10.88 14.74
CA PRO A 80 -6.29 12.03 13.85
C PRO A 80 -4.95 11.94 13.13
N GLY A 81 -4.94 12.35 11.86
CA GLY A 81 -3.73 12.29 11.06
C GLY A 81 -4.10 12.52 9.62
N HIS A 82 -3.16 12.30 8.72
CA HIS A 82 -3.47 12.48 7.31
C HIS A 82 -4.35 11.36 6.80
N VAL A 83 -4.16 10.17 7.39
CA VAL A 83 -4.95 8.98 7.08
C VAL A 83 -6.39 9.18 7.49
N ALA A 84 -6.64 9.32 8.80
CA ALA A 84 -7.98 9.66 9.26
C ALA A 84 -8.58 10.79 8.40
N ASP A 85 -7.76 11.74 7.98
CA ASP A 85 -8.31 12.85 7.21
C ASP A 85 -8.92 12.39 5.88
N PHE A 86 -8.22 11.50 5.19
CA PHE A 86 -8.74 10.91 3.95
C PHE A 86 -10.01 10.04 4.19
N LEU A 87 -9.94 9.13 5.18
CA LEU A 87 -11.07 8.27 5.48
C LEU A 87 -12.34 9.10 5.73
N VAL A 88 -12.21 10.22 6.42
CA VAL A 88 -13.37 11.04 6.73
C VAL A 88 -13.87 11.74 5.49
N ALA A 89 -12.94 12.28 4.71
CA ALA A 89 -13.33 12.92 3.46
C ALA A 89 -14.19 11.95 2.66
N ASP A 90 -13.83 10.67 2.74
CA ASP A 90 -14.54 9.66 1.99
C ASP A 90 -15.90 9.37 2.64
N PHE A 91 -15.92 9.24 3.95
CA PHE A 91 -17.17 9.11 4.68
C PHE A 91 -18.14 10.23 4.30
N ARG A 92 -17.64 11.47 4.31
CA ARG A 92 -18.46 12.61 3.97
C ARG A 92 -18.89 12.69 2.50
N ARG A 93 -18.03 12.29 1.57
CA ARG A 93 -18.42 12.21 0.16
C ARG A 93 -19.60 11.24 0.01
N ARG A 94 -19.68 10.28 0.93
CA ARG A 94 -20.73 9.27 0.87
C ARG A 94 -21.99 9.74 1.59
N GLY A 95 -21.82 10.66 2.53
CA GLY A 95 -22.93 11.11 3.33
C GLY A 95 -23.07 10.27 4.57
N VAL A 96 -22.02 9.53 4.91
CA VAL A 96 -22.06 8.75 6.13
C VAL A 96 -21.78 9.66 7.32
N ASP A 97 -22.78 9.75 8.20
CA ASP A 97 -22.65 10.50 9.43
C ASP A 97 -21.55 9.93 10.32
N VAL A 98 -20.49 10.72 10.51
CA VAL A 98 -19.36 10.30 11.33
C VAL A 98 -19.38 10.84 12.78
N SER A 99 -20.40 11.61 13.12
CA SER A 99 -20.43 12.33 14.39
C SER A 99 -20.30 11.42 15.61
N GLN A 100 -20.39 10.12 15.39
CA GLN A 100 -20.33 9.18 16.50
C GLN A 100 -18.95 8.57 16.69
N VAL A 101 -17.96 9.12 15.99
CA VAL A 101 -16.60 8.54 16.01
C VAL A 101 -15.85 8.76 17.32
N ALA A 102 -15.35 7.65 17.87
CA ALA A 102 -14.54 7.68 19.09
C ALA A 102 -13.07 7.98 18.83
N TRP A 103 -12.75 9.27 18.65
CA TRP A 103 -11.37 9.69 18.43
C TRP A 103 -10.42 9.26 19.53
N GLN A 104 -9.24 8.80 19.12
CA GLN A 104 -8.21 8.36 20.05
C GLN A 104 -7.04 9.33 20.03
N SER A 105 -6.25 9.32 21.10
CA SER A 105 -5.03 10.11 21.12
C SER A 105 -3.82 9.18 20.95
N LYS A 106 -3.91 7.99 21.54
CA LYS A 106 -2.85 6.98 21.40
C LYS A 106 -3.15 5.97 20.29
N GLY A 107 -2.21 5.79 19.37
CA GLY A 107 -2.34 4.77 18.34
C GLY A 107 -2.42 5.25 16.89
N ASP A 108 -2.30 4.30 15.97
CA ASP A 108 -2.35 4.57 14.52
C ASP A 108 -3.63 4.05 13.86
N THR A 109 -3.99 4.68 12.74
CA THR A 109 -5.09 4.21 11.91
C THR A 109 -4.68 2.89 11.26
N PRO A 110 -5.46 1.82 11.49
CA PRO A 110 -5.03 0.55 10.92
C PRO A 110 -5.06 0.67 9.40
N SER A 111 -4.23 -0.07 8.72
CA SER A 111 -4.31 -0.13 7.27
C SER A 111 -4.05 -1.54 6.86
N SER A 112 -4.02 -1.78 5.56
CA SER A 112 -3.73 -3.11 5.11
C SER A 112 -3.43 -3.09 3.64
N CYS A 113 -2.63 -4.08 3.21
CA CYS A 113 -2.37 -4.31 1.79
C CYS A 113 -3.33 -5.35 1.25
N CYS A 114 -4.01 -5.01 0.18
CA CYS A 114 -4.98 -5.92 -0.40
C CYS A 114 -4.55 -6.21 -1.81
N ILE A 115 -4.17 -7.46 -2.05
CA ILE A 115 -3.94 -7.91 -3.41
C ILE A 115 -5.23 -8.52 -3.95
N ILE A 116 -5.75 -7.96 -5.03
CA ILE A 116 -6.95 -8.47 -5.65
C ILE A 116 -6.58 -9.15 -6.94
N ASN A 117 -6.93 -10.44 -7.04
CA ASN A 117 -6.62 -11.19 -8.24
C ASN A 117 -7.69 -10.98 -9.29
N ASN A 118 -7.33 -10.28 -10.37
CA ASN A 118 -8.28 -9.86 -11.39
C ASN A 118 -8.91 -10.99 -12.23
N SER A 119 -8.24 -12.13 -12.28
CA SER A 119 -8.73 -13.25 -13.07
C SER A 119 -9.88 -14.01 -12.40
N ASN A 120 -10.07 -13.81 -11.10
CA ASN A 120 -11.07 -14.58 -10.37
C ASN A 120 -11.60 -13.82 -9.15
N GLY A 121 -11.13 -12.59 -8.97
CA GLY A 121 -11.62 -11.71 -7.93
C GLY A 121 -11.21 -12.07 -6.52
N ASN A 122 -10.40 -13.11 -6.37
CA ASN A 122 -9.85 -13.44 -5.07
C ASN A 122 -9.19 -12.22 -4.45
N ARG A 123 -9.28 -12.10 -3.14
CA ARG A 123 -8.69 -10.96 -2.46
C ARG A 123 -7.97 -11.43 -1.23
N THR A 124 -6.75 -10.93 -1.07
CA THR A 124 -5.82 -11.39 -0.06
C THR A 124 -5.39 -10.18 0.74
N ILE A 125 -5.71 -10.18 2.03
CA ILE A 125 -5.55 -9.00 2.86
C ILE A 125 -4.50 -9.21 3.94
N VAL A 126 -3.51 -8.33 3.95
CA VAL A 126 -2.53 -8.30 5.03
C VAL A 126 -2.87 -7.11 5.90
N LEU A 127 -3.46 -7.40 7.06
CA LEU A 127 -3.87 -6.36 8.00
C LEU A 127 -2.73 -5.91 8.95
N HIS A 128 -2.56 -4.60 9.10
CA HIS A 128 -1.65 -4.04 10.09
C HIS A 128 -2.49 -3.53 11.24
N ASP A 129 -2.70 -4.38 12.23
CA ASP A 129 -3.54 -3.98 13.34
C ASP A 129 -2.76 -3.16 14.35
N THR A 130 -3.17 -1.91 14.49
CA THR A 130 -2.45 -0.97 15.32
C THR A 130 -2.79 -1.18 16.77
N SER A 131 -2.24 -0.30 17.60
CA SER A 131 -2.60 -0.25 19.00
C SER A 131 -4.07 0.12 19.09
N LEU A 132 -4.43 1.20 18.38
CA LEU A 132 -5.77 1.82 18.44
C LEU A 132 -6.79 1.00 19.22
N PRO A 133 -7.39 1.62 20.24
CA PRO A 133 -8.33 1.00 21.18
C PRO A 133 -9.75 0.91 20.60
N ASP A 134 -10.41 -0.22 20.77
CA ASP A 134 -11.78 -0.40 20.29
C ASP A 134 -12.75 0.52 21.02
N VAL A 135 -13.88 0.84 20.40
CA VAL A 135 -14.94 1.57 21.09
C VAL A 135 -15.49 0.72 22.24
N SER A 136 -15.87 1.38 23.34
CA SER A 136 -16.30 0.65 24.54
C SER A 136 -17.71 1.02 24.97
N ALA A 137 -18.31 0.18 25.81
CA ALA A 137 -19.63 0.45 26.38
C ALA A 137 -19.65 1.88 26.90
N THR A 138 -18.48 2.34 27.35
CA THR A 138 -18.27 3.71 27.79
C THR A 138 -18.63 4.72 26.70
N ASP A 139 -17.96 4.61 25.55
CA ASP A 139 -18.20 5.50 24.41
C ASP A 139 -19.64 5.35 23.92
N PHE A 140 -20.13 4.11 23.98
CA PHE A 140 -21.47 3.78 23.47
C PHE A 140 -22.57 4.32 24.38
N GLU A 141 -22.36 4.23 25.69
CA GLU A 141 -23.30 4.76 26.68
C GLU A 141 -23.63 6.21 26.36
N LYS A 142 -22.79 6.83 25.55
CA LYS A 142 -22.84 8.25 25.28
C LYS A 142 -23.66 8.55 24.02
N VAL A 143 -24.30 7.53 23.46
CA VAL A 143 -24.96 7.64 22.15
C VAL A 143 -26.47 7.86 22.20
N ASP A 144 -26.97 8.73 21.33
CA ASP A 144 -28.41 9.02 21.26
C ASP A 144 -29.16 7.98 20.43
N LEU A 145 -29.69 6.96 21.08
CA LEU A 145 -30.34 5.86 20.39
C LEU A 145 -31.60 6.26 19.62
N THR A 146 -32.16 7.42 19.94
CA THR A 146 -33.41 7.82 19.30
C THR A 146 -33.22 8.26 17.84
N GLN A 147 -31.99 8.22 17.34
CA GLN A 147 -31.75 8.55 15.93
C GLN A 147 -31.84 7.32 15.02
N PHE A 148 -31.85 6.12 15.61
CA PHE A 148 -31.68 4.88 14.85
C PHE A 148 -32.86 3.89 14.87
N LYS A 149 -33.22 3.38 13.69
CA LYS A 149 -34.17 2.29 13.54
C LYS A 149 -33.44 0.96 13.56
N TRP A 150 -32.17 0.98 13.14
CA TRP A 150 -31.35 -0.23 13.09
C TRP A 150 -29.92 0.00 13.63
N ILE A 151 -29.38 -0.98 14.35
CA ILE A 151 -28.00 -0.90 14.82
C ILE A 151 -27.28 -2.22 14.56
N HIS A 152 -26.22 -2.16 13.76
CA HIS A 152 -25.45 -3.35 13.40
C HIS A 152 -24.04 -3.33 14.01
N ILE A 153 -23.65 -4.44 14.62
CA ILE A 153 -22.37 -4.50 15.33
C ILE A 153 -21.42 -5.58 14.80
N GLU A 154 -20.26 -5.13 14.35
CA GLU A 154 -19.18 -6.00 13.89
C GLU A 154 -18.45 -6.59 15.08
N GLY A 155 -18.71 -7.86 15.35
CA GLY A 155 -18.05 -8.55 16.45
C GLY A 155 -16.55 -8.37 16.51
N ARG A 156 -16.07 -7.74 17.58
CA ARG A 156 -14.64 -7.60 17.81
C ARG A 156 -14.27 -7.81 19.28
N ASN A 157 -14.45 -6.78 20.10
CA ASN A 157 -14.27 -6.89 21.55
C ASN A 157 -15.56 -7.32 22.26
N ALA A 158 -15.73 -8.63 22.41
CA ALA A 158 -17.01 -9.18 22.84
C ALA A 158 -17.44 -8.68 24.21
N SER A 159 -16.57 -8.90 25.20
CA SER A 159 -16.78 -8.42 26.56
C SER A 159 -17.52 -7.07 26.55
N GLU A 160 -16.89 -6.10 25.89
CA GLU A 160 -17.37 -4.73 25.89
C GLU A 160 -18.64 -4.51 25.06
N GLN A 161 -18.78 -5.26 23.97
CA GLN A 161 -19.91 -5.07 23.07
C GLN A 161 -21.19 -5.67 23.62
N VAL A 162 -21.07 -6.83 24.26
CA VAL A 162 -22.22 -7.40 24.93
C VAL A 162 -22.88 -6.31 25.77
N LYS A 163 -22.05 -5.59 26.50
CA LYS A 163 -22.50 -4.44 27.29
C LYS A 163 -23.34 -3.50 26.41
N MET A 164 -22.80 -3.14 25.26
CA MET A 164 -23.49 -2.24 24.34
C MET A 164 -24.87 -2.78 23.96
N LEU A 165 -24.94 -4.07 23.69
CA LEU A 165 -26.18 -4.69 23.23
C LEU A 165 -27.25 -4.61 24.31
N GLN A 166 -26.87 -4.94 25.55
CA GLN A 166 -27.78 -4.86 26.69
C GLN A 166 -28.35 -3.45 26.86
N ARG A 167 -27.54 -2.43 26.59
CA ARG A 167 -28.00 -1.07 26.69
C ARG A 167 -29.12 -0.82 25.69
N ILE A 168 -29.12 -1.58 24.60
CA ILE A 168 -30.14 -1.40 23.57
C ILE A 168 -31.40 -2.21 23.88
N ASP A 169 -31.20 -3.47 24.28
CA ASP A 169 -32.31 -4.32 24.71
C ASP A 169 -33.08 -3.59 25.82
N ALA A 170 -32.33 -3.09 26.79
CA ALA A 170 -32.89 -2.34 27.90
C ALA A 170 -33.61 -1.08 27.42
N HIS A 171 -33.18 -0.53 26.29
CA HIS A 171 -33.84 0.64 25.72
C HIS A 171 -35.11 0.26 24.95
N ASN A 172 -35.15 -0.96 24.46
CA ASN A 172 -36.30 -1.45 23.71
C ASN A 172 -37.47 -1.76 24.62
N THR A 173 -37.17 -2.37 25.76
CA THR A 173 -38.19 -2.72 26.75
C THR A 173 -39.05 -1.51 27.10
N ARG A 174 -38.43 -0.34 27.15
CA ARG A 174 -39.13 0.91 27.45
C ARG A 174 -39.57 1.59 26.14
N GLN A 175 -40.16 0.84 25.23
CA GLN A 175 -40.56 1.36 23.91
C GLN A 175 -41.75 0.61 23.30
N PRO A 176 -42.66 1.34 22.62
CA PRO A 176 -43.73 0.68 21.87
C PRO A 176 -43.11 -0.33 20.91
N PRO A 177 -43.67 -1.55 20.81
CA PRO A 177 -43.04 -2.50 19.88
C PRO A 177 -42.92 -1.90 18.47
N GLU A 178 -43.58 -0.76 18.28
CA GLU A 178 -43.50 0.01 17.06
C GLU A 178 -42.14 0.72 16.97
N GLN A 179 -41.75 1.38 18.06
CA GLN A 179 -40.53 2.19 18.10
C GLN A 179 -39.29 1.48 18.63
N LYS A 180 -39.29 0.14 18.59
CA LYS A 180 -38.13 -0.63 19.03
C LYS A 180 -37.00 -0.58 18.01
N ILE A 181 -35.77 -0.55 18.50
CA ILE A 181 -34.59 -0.54 17.62
C ILE A 181 -34.19 -1.98 17.25
N ARG A 182 -34.07 -2.22 15.94
CA ARG A 182 -33.66 -3.52 15.42
C ARG A 182 -32.14 -3.70 15.56
N VAL A 183 -31.69 -4.91 15.86
CA VAL A 183 -30.29 -5.12 16.15
C VAL A 183 -29.70 -6.30 15.37
N SER A 184 -28.57 -6.09 14.70
CA SER A 184 -27.92 -7.20 14.03
C SER A 184 -26.44 -7.33 14.38
N VAL A 185 -25.98 -8.57 14.41
CA VAL A 185 -24.65 -8.93 14.86
C VAL A 185 -23.91 -9.70 13.79
N GLU A 186 -22.63 -9.39 13.59
CA GLU A 186 -21.80 -10.19 12.71
C GLU A 186 -20.72 -10.94 13.50
N VAL A 187 -20.69 -12.26 13.37
CA VAL A 187 -19.58 -13.06 13.91
C VAL A 187 -18.76 -13.59 12.73
N GLU A 188 -17.71 -12.86 12.35
CA GLU A 188 -17.01 -13.16 11.10
C GLU A 188 -15.70 -13.91 11.33
N LYS A 189 -15.18 -13.84 12.54
CA LYS A 189 -13.88 -14.44 12.84
C LYS A 189 -14.05 -15.66 13.75
N PRO A 190 -13.32 -16.74 13.45
CA PRO A 190 -13.50 -18.01 14.17
C PRO A 190 -13.06 -17.99 15.65
N ARG A 191 -12.73 -16.83 16.21
CA ARG A 191 -12.26 -16.78 17.59
C ARG A 191 -13.38 -16.90 18.63
N GLU A 192 -13.11 -17.66 19.69
CA GLU A 192 -14.15 -18.03 20.67
C GLU A 192 -14.73 -16.90 21.51
N GLU A 193 -13.97 -15.82 21.74
CA GLU A 193 -14.50 -14.70 22.54
C GLU A 193 -15.83 -14.22 21.98
N LEU A 194 -16.03 -14.39 20.67
CA LEU A 194 -17.16 -13.79 19.96
C LEU A 194 -18.47 -14.60 20.01
N PHE A 195 -18.37 -15.89 20.31
CA PHE A 195 -19.53 -16.79 20.24
C PHE A 195 -20.64 -16.50 21.26
N GLN A 196 -20.43 -15.46 22.05
CA GLN A 196 -21.41 -15.04 23.05
C GLN A 196 -22.43 -14.07 22.47
N LEU A 197 -22.15 -13.55 21.29
CA LEU A 197 -22.99 -12.53 20.69
C LEU A 197 -24.18 -13.13 19.96
N PHE A 198 -24.31 -14.45 20.06
CA PHE A 198 -25.19 -15.24 19.19
C PHE A 198 -26.73 -15.16 19.32
N GLY A 199 -27.31 -14.91 20.49
CA GLY A 199 -26.72 -14.24 21.62
C GLY A 199 -27.70 -13.10 21.75
N TYR A 200 -27.45 -12.04 20.98
CA TYR A 200 -28.30 -10.87 20.96
C TYR A 200 -28.64 -10.54 19.52
N GLY A 201 -29.48 -9.53 19.34
CA GLY A 201 -29.84 -9.12 18.00
C GLY A 201 -30.91 -9.99 17.38
N ASP A 202 -31.71 -9.33 16.55
CA ASP A 202 -32.80 -9.96 15.81
C ASP A 202 -32.23 -10.78 14.67
N VAL A 203 -31.14 -10.28 14.09
CA VAL A 203 -30.50 -10.95 12.98
C VAL A 203 -29.06 -11.24 13.32
N VAL A 204 -28.65 -12.49 13.15
CA VAL A 204 -27.27 -12.88 13.43
C VAL A 204 -26.55 -13.41 12.19
N PHE A 205 -25.48 -12.73 11.79
CA PHE A 205 -24.71 -13.11 10.61
C PHE A 205 -23.50 -13.91 11.04
N VAL A 206 -23.36 -15.14 10.55
CA VAL A 206 -22.16 -15.93 10.76
C VAL A 206 -21.54 -16.26 9.41
N SER A 207 -20.21 -16.18 9.33
CA SER A 207 -19.52 -16.37 8.06
C SER A 207 -19.28 -17.83 7.71
N LYS A 208 -18.99 -18.08 6.43
CA LYS A 208 -18.65 -19.41 5.95
C LYS A 208 -17.42 -19.88 6.70
N ASP A 209 -16.42 -19.00 6.80
CA ASP A 209 -15.19 -19.27 7.54
C ASP A 209 -15.45 -19.75 8.97
N VAL A 210 -16.19 -18.99 9.76
CA VAL A 210 -16.56 -19.40 11.11
C VAL A 210 -17.20 -20.77 11.04
N ALA A 211 -18.18 -20.89 10.15
CA ALA A 211 -18.97 -22.09 10.05
C ALA A 211 -18.11 -23.31 9.76
N LYS A 212 -17.14 -23.19 8.86
CA LYS A 212 -16.23 -24.29 8.57
C LYS A 212 -15.32 -24.58 9.78
N HIS A 213 -14.70 -23.53 10.32
CA HIS A 213 -13.80 -23.65 11.47
C HIS A 213 -14.53 -24.18 12.71
N LEU A 214 -15.65 -24.84 12.50
CA LEU A 214 -16.49 -25.27 13.60
C LEU A 214 -17.12 -26.61 13.21
N GLY A 215 -16.72 -27.13 12.06
CA GLY A 215 -17.09 -28.48 11.65
C GLY A 215 -18.03 -28.59 10.45
N PHE A 216 -18.78 -27.52 10.21
CA PHE A 216 -19.86 -27.52 9.21
C PHE A 216 -19.36 -27.31 7.78
N GLN A 217 -19.96 -28.02 6.83
CA GLN A 217 -19.53 -27.94 5.44
C GLN A 217 -20.62 -27.50 4.46
N SER A 218 -21.70 -26.94 5.00
CA SER A 218 -22.76 -26.40 4.18
C SER A 218 -23.46 -25.30 4.95
N ALA A 219 -24.12 -24.39 4.25
CA ALA A 219 -24.84 -23.33 4.94
C ALA A 219 -26.00 -23.92 5.75
N GLU A 220 -26.67 -24.94 5.24
CA GLU A 220 -27.78 -25.53 5.99
C GLU A 220 -27.34 -26.29 7.25
N GLU A 221 -26.18 -26.95 7.22
CA GLU A 221 -25.67 -27.61 8.42
C GLU A 221 -25.44 -26.56 9.49
N ALA A 222 -24.66 -25.56 9.13
CA ALA A 222 -24.29 -24.51 10.07
C ALA A 222 -25.52 -23.97 10.78
N LEU A 223 -26.60 -23.74 10.02
CA LEU A 223 -27.84 -23.18 10.56
C LEU A 223 -28.60 -24.10 11.52
N ARG A 224 -28.69 -25.39 11.17
CA ARG A 224 -29.27 -26.38 12.08
C ARG A 224 -28.40 -26.47 13.35
N GLY A 225 -27.09 -26.57 13.15
CA GLY A 225 -26.14 -26.55 14.25
C GLY A 225 -26.26 -25.36 15.20
N LEU A 226 -26.15 -24.14 14.67
CA LEU A 226 -26.01 -22.98 15.54
C LEU A 226 -27.30 -22.27 15.95
N TYR A 227 -28.45 -22.66 15.41
CA TYR A 227 -29.65 -21.92 15.78
C TYR A 227 -29.90 -21.94 17.28
N GLY A 228 -29.33 -22.95 17.94
CA GLY A 228 -29.48 -23.11 19.37
C GLY A 228 -29.08 -21.89 20.18
N ARG A 229 -28.13 -21.13 19.66
CA ARG A 229 -27.50 -20.06 20.43
C ARG A 229 -28.10 -18.68 20.29
N VAL A 230 -29.25 -18.54 19.63
CA VAL A 230 -29.73 -17.19 19.34
C VAL A 230 -30.90 -16.76 20.21
N ARG A 231 -30.92 -15.48 20.57
CA ARG A 231 -32.07 -14.88 21.23
C ARG A 231 -33.31 -15.54 20.61
N LYS A 232 -34.26 -15.99 21.42
CA LYS A 232 -35.49 -16.54 20.87
C LYS A 232 -36.15 -15.46 20.03
N GLY A 233 -36.55 -15.80 18.82
CA GLY A 233 -37.16 -14.86 17.90
C GLY A 233 -36.24 -14.34 16.81
N ALA A 234 -34.98 -14.78 16.84
CA ALA A 234 -33.97 -14.26 15.94
C ALA A 234 -33.89 -15.03 14.63
N VAL A 235 -33.30 -14.39 13.64
CA VAL A 235 -33.00 -15.02 12.37
C VAL A 235 -31.49 -15.18 12.28
N LEU A 236 -31.04 -16.39 11.98
CA LEU A 236 -29.65 -16.65 11.72
C LEU A 236 -29.40 -16.70 10.20
N VAL A 237 -28.44 -15.93 9.73
CA VAL A 237 -28.10 -15.87 8.32
C VAL A 237 -26.68 -16.39 8.15
N CYS A 238 -26.46 -17.23 7.15
CA CYS A 238 -25.11 -17.67 6.83
C CYS A 238 -24.93 -17.74 5.32
N ALA A 239 -24.07 -16.89 4.78
CA ALA A 239 -23.81 -16.91 3.34
C ALA A 239 -22.70 -17.91 3.03
N TRP A 240 -22.64 -18.38 1.79
CA TRP A 240 -21.67 -19.39 1.40
C TRP A 240 -21.14 -19.08 0.02
N ALA A 241 -20.72 -17.84 -0.19
CA ALA A 241 -20.02 -17.49 -1.41
C ALA A 241 -20.86 -17.82 -2.64
N GLU A 242 -20.24 -18.49 -3.59
CA GLU A 242 -20.86 -18.75 -4.89
C GLU A 242 -22.06 -19.66 -4.75
N GLU A 243 -22.34 -20.10 -3.53
CA GLU A 243 -23.41 -21.06 -3.28
C GLU A 243 -24.71 -20.37 -2.83
N GLY A 244 -24.66 -19.05 -2.69
CA GLY A 244 -25.81 -18.32 -2.20
C GLY A 244 -25.76 -18.13 -0.69
N ALA A 245 -26.91 -18.12 -0.05
CA ALA A 245 -26.96 -17.89 1.37
C ALA A 245 -28.21 -18.54 1.87
N ASP A 246 -28.21 -18.93 3.15
CA ASP A 246 -29.38 -19.52 3.79
C ASP A 246 -29.70 -18.73 5.04
N ALA A 247 -30.94 -18.82 5.48
CA ALA A 247 -31.31 -18.16 6.71
C ALA A 247 -32.31 -19.05 7.42
N LEU A 248 -32.41 -18.91 8.74
CA LEU A 248 -33.28 -19.76 9.55
C LEU A 248 -33.92 -18.97 10.66
N GLY A 249 -35.24 -18.86 10.62
CA GLY A 249 -35.97 -18.11 11.63
C GLY A 249 -36.64 -19.03 12.66
N PRO A 250 -37.37 -18.43 13.60
CA PRO A 250 -38.05 -19.16 14.67
C PRO A 250 -38.92 -20.29 14.17
N ASP A 251 -39.54 -20.12 12.99
CA ASP A 251 -40.49 -21.11 12.50
C ASP A 251 -39.82 -22.42 12.11
N GLY A 252 -38.50 -22.43 12.02
CA GLY A 252 -37.76 -23.63 11.73
C GLY A 252 -37.55 -23.90 10.25
N LYS A 253 -38.25 -23.14 9.40
CA LYS A 253 -38.15 -23.37 7.96
C LYS A 253 -36.89 -22.76 7.37
N LEU A 254 -36.15 -23.58 6.65
CA LEU A 254 -34.91 -23.14 6.02
C LEU A 254 -35.24 -22.28 4.79
N LEU A 255 -34.54 -21.17 4.67
CA LEU A 255 -34.69 -20.30 3.50
C LEU A 255 -33.41 -20.29 2.69
N HIS A 256 -33.52 -20.29 1.36
CA HIS A 256 -32.33 -20.28 0.52
C HIS A 256 -32.43 -19.28 -0.61
N SER A 257 -31.27 -18.80 -1.07
CA SER A 257 -31.19 -17.96 -2.24
C SER A 257 -29.97 -18.38 -3.06
N ASP A 258 -30.15 -18.60 -4.36
CA ASP A 258 -29.00 -18.76 -5.25
C ASP A 258 -28.23 -17.46 -5.35
N ALA A 259 -26.92 -17.57 -5.53
CA ALA A 259 -26.07 -16.42 -5.75
C ALA A 259 -26.45 -15.76 -7.08
N PHE A 260 -26.01 -14.53 -7.29
CA PHE A 260 -26.12 -13.89 -8.61
C PHE A 260 -24.73 -13.60 -9.15
N PRO A 261 -24.01 -14.64 -9.61
CA PRO A 261 -22.64 -14.45 -10.11
C PRO A 261 -22.59 -13.55 -11.31
N PRO A 262 -21.76 -12.50 -11.27
CA PRO A 262 -21.53 -11.75 -12.49
C PRO A 262 -20.80 -12.68 -13.47
N PRO A 263 -20.80 -12.37 -14.76
CA PRO A 263 -20.18 -13.26 -15.75
C PRO A 263 -18.65 -13.25 -15.69
N ARG A 264 -18.07 -12.17 -15.16
CA ARG A 264 -16.64 -12.09 -14.85
C ARG A 264 -16.51 -11.67 -13.40
N VAL A 265 -16.14 -12.56 -12.49
CA VAL A 265 -15.84 -12.08 -11.14
C VAL A 265 -14.47 -11.38 -11.13
N VAL A 266 -14.44 -10.08 -10.81
CA VAL A 266 -13.17 -9.33 -10.85
C VAL A 266 -12.67 -8.75 -9.51
N ASP A 267 -13.52 -8.73 -8.48
CA ASP A 267 -13.15 -8.12 -7.20
C ASP A 267 -14.13 -8.43 -6.05
N THR A 268 -13.76 -9.36 -5.18
CA THR A 268 -14.66 -9.73 -4.10
C THR A 268 -14.32 -9.11 -2.76
N LEU A 269 -13.47 -8.08 -2.76
CA LEU A 269 -13.14 -7.35 -1.54
C LEU A 269 -14.33 -6.54 -1.03
N GLY A 270 -14.91 -6.98 0.08
CA GLY A 270 -16.08 -6.32 0.65
C GLY A 270 -17.37 -6.87 0.06
N ALA A 271 -17.34 -8.12 -0.41
CA ALA A 271 -18.55 -8.76 -0.93
C ALA A 271 -19.46 -9.18 0.21
N GLY A 272 -18.86 -9.75 1.26
CA GLY A 272 -19.57 -10.07 2.47
C GLY A 272 -20.23 -8.86 3.11
N ASP A 273 -19.52 -7.74 3.17
CA ASP A 273 -20.09 -6.53 3.77
C ASP A 273 -21.27 -5.98 2.93
N THR A 274 -21.16 -6.08 1.60
CA THR A 274 -22.24 -5.72 0.68
C THR A 274 -23.46 -6.61 0.90
N PHE A 275 -23.24 -7.91 0.99
CA PHE A 275 -24.31 -8.81 1.37
C PHE A 275 -25.02 -8.32 2.64
N ASN A 276 -24.28 -8.14 3.72
CA ASN A 276 -24.89 -7.75 5.00
C ASN A 276 -25.65 -6.43 4.91
N ALA A 277 -25.04 -5.42 4.31
CA ALA A 277 -25.67 -4.13 4.30
C ALA A 277 -26.98 -4.29 3.54
N SER A 278 -26.91 -5.03 2.45
CA SER A 278 -28.07 -5.22 1.61
C SER A 278 -29.18 -5.97 2.32
N VAL A 279 -28.83 -7.01 3.08
CA VAL A 279 -29.83 -7.75 3.83
C VAL A 279 -30.50 -6.85 4.87
N ILE A 280 -29.70 -6.02 5.53
CA ILE A 280 -30.21 -5.11 6.55
C ILE A 280 -31.12 -4.03 5.95
N PHE A 281 -30.68 -3.44 4.85
CA PHE A 281 -31.46 -2.42 4.19
C PHE A 281 -32.84 -2.99 3.90
N SER A 282 -32.85 -4.20 3.37
CA SER A 282 -34.08 -4.83 2.93
C SER A 282 -35.00 -5.15 4.12
N LEU A 283 -34.45 -5.74 5.17
CA LEU A 283 -35.27 -6.05 6.33
C LEU A 283 -35.79 -4.76 6.97
N SER A 284 -34.94 -3.73 6.97
CA SER A 284 -35.30 -2.46 7.55
C SER A 284 -36.38 -1.74 6.72
N GLN A 285 -36.70 -2.29 5.56
CA GLN A 285 -37.70 -1.68 4.69
C GLN A 285 -38.96 -2.53 4.61
N GLY A 286 -39.14 -3.42 5.57
CA GLY A 286 -40.33 -4.23 5.63
C GLY A 286 -40.34 -5.56 4.92
N ARG A 287 -39.28 -5.93 4.20
CA ARG A 287 -39.33 -7.12 3.34
C ARG A 287 -39.25 -8.41 4.13
N SER A 288 -39.74 -9.49 3.51
CA SER A 288 -39.64 -10.81 4.11
C SER A 288 -38.17 -11.18 4.20
N VAL A 289 -37.85 -12.14 5.05
CA VAL A 289 -36.50 -12.67 5.11
C VAL A 289 -36.11 -13.27 3.76
N GLN A 290 -37.06 -13.92 3.09
CA GLN A 290 -36.72 -14.55 1.83
C GLN A 290 -36.28 -13.48 0.85
N GLU A 291 -37.00 -12.37 0.83
CA GLU A 291 -36.71 -11.29 -0.11
C GLU A 291 -35.41 -10.61 0.22
N ALA A 292 -35.15 -10.40 1.51
CA ALA A 292 -33.92 -9.75 1.92
C ALA A 292 -32.70 -10.62 1.59
N LEU A 293 -32.87 -11.95 1.58
CA LEU A 293 -31.75 -12.87 1.33
C LEU A 293 -31.34 -12.78 -0.13
N ARG A 294 -32.31 -13.08 -0.97
CA ARG A 294 -32.27 -12.81 -2.38
C ARG A 294 -31.58 -11.46 -2.69
N PHE A 295 -32.00 -10.39 -2.04
CA PHE A 295 -31.46 -9.06 -2.34
C PHE A 295 -29.99 -8.98 -1.93
N GLY A 296 -29.68 -9.49 -0.74
CA GLY A 296 -28.31 -9.64 -0.30
C GLY A 296 -27.44 -10.31 -1.36
N CYS A 297 -27.88 -11.47 -1.84
CA CYS A 297 -27.09 -12.17 -2.85
C CYS A 297 -27.01 -11.35 -4.14
N GLN A 298 -28.06 -10.58 -4.42
CA GLN A 298 -28.15 -9.87 -5.68
C GLN A 298 -27.16 -8.73 -5.77
N VAL A 299 -27.04 -7.97 -4.68
CA VAL A 299 -26.14 -6.82 -4.64
C VAL A 299 -24.70 -7.31 -4.48
N ALA A 300 -24.50 -8.31 -3.62
CA ALA A 300 -23.16 -8.89 -3.46
C ALA A 300 -22.65 -9.39 -4.80
N GLY A 301 -23.51 -10.11 -5.52
CA GLY A 301 -23.14 -10.69 -6.80
C GLY A 301 -22.75 -9.62 -7.77
N LYS A 302 -23.50 -8.52 -7.77
CA LYS A 302 -23.28 -7.43 -8.69
C LYS A 302 -21.95 -6.73 -8.38
N LYS A 303 -21.68 -6.53 -7.09
CA LYS A 303 -20.43 -5.91 -6.65
C LYS A 303 -19.17 -6.73 -7.06
N CYS A 304 -19.31 -8.05 -7.13
CA CYS A 304 -18.20 -8.93 -7.52
C CYS A 304 -17.74 -8.73 -8.96
N GLY A 305 -18.52 -8.05 -9.77
CA GLY A 305 -18.13 -7.82 -11.16
C GLY A 305 -17.71 -6.36 -11.33
N LEU A 306 -17.49 -5.69 -10.21
CA LEU A 306 -17.06 -4.29 -10.21
C LEU A 306 -15.81 -4.07 -9.35
N GLN A 307 -14.98 -3.12 -9.75
CA GLN A 307 -13.90 -2.68 -8.89
C GLN A 307 -14.49 -1.69 -7.91
N GLY A 308 -14.37 -1.96 -6.61
CA GLY A 308 -14.89 -1.04 -5.60
C GLY A 308 -16.39 -1.17 -5.37
N PHE A 309 -17.05 -0.06 -5.05
CA PHE A 309 -18.49 -0.09 -4.76
C PHE A 309 -19.35 0.74 -5.73
N ASP A 310 -18.78 1.75 -6.37
CA ASP A 310 -19.54 2.52 -7.35
C ASP A 310 -20.06 1.62 -8.46
N GLY A 311 -21.31 1.83 -8.83
CA GLY A 311 -21.86 1.10 -9.95
C GLY A 311 -22.77 -0.05 -9.55
N ILE A 312 -22.86 -0.36 -8.25
CA ILE A 312 -23.83 -1.35 -7.81
C ILE A 312 -25.25 -0.76 -7.86
N VAL A 313 -25.35 0.55 -7.72
CA VAL A 313 -26.64 1.24 -7.85
C VAL A 313 -26.62 2.26 -8.98
N GLY B 13 12.76 28.95 -2.83
CA GLY B 13 13.70 30.00 -2.48
C GLY B 13 14.92 30.02 -3.40
N LEU B 14 15.87 30.90 -3.08
CA LEU B 14 17.08 31.16 -3.87
C LEU B 14 18.13 30.05 -3.71
N VAL B 15 18.42 29.37 -4.82
CA VAL B 15 19.46 28.33 -4.82
C VAL B 15 20.72 28.90 -5.45
N PRO B 16 21.81 29.04 -4.68
CA PRO B 16 23.05 29.59 -5.24
C PRO B 16 23.54 28.81 -6.46
N ARG B 17 23.96 29.54 -7.49
CA ARG B 17 24.41 28.96 -8.74
C ARG B 17 25.46 27.84 -8.56
N GLY B 18 25.29 26.74 -9.29
CA GLY B 18 26.24 25.63 -9.22
C GLY B 18 26.43 25.00 -7.84
N SER B 19 25.36 24.91 -7.05
CA SER B 19 25.50 24.38 -5.68
C SER B 19 24.84 23.01 -5.47
N GLN B 20 23.91 22.62 -6.33
CA GLN B 20 23.10 21.43 -6.08
C GLN B 20 23.50 20.28 -6.97
N ILE B 21 23.24 19.09 -6.45
CA ILE B 21 23.37 17.84 -7.18
C ILE B 21 21.96 17.33 -7.44
N LEU B 22 21.65 17.04 -8.70
CA LEU B 22 20.29 16.68 -9.07
C LEU B 22 20.21 15.20 -9.43
N CYS B 23 19.24 14.48 -8.90
CA CYS B 23 19.06 13.09 -9.31
C CYS B 23 17.70 12.93 -9.97
N VAL B 24 17.72 12.42 -11.20
CA VAL B 24 16.50 12.17 -11.95
C VAL B 24 16.16 10.68 -11.90
N GLY B 25 14.91 10.34 -11.66
CA GLY B 25 14.53 8.95 -11.66
C GLY B 25 13.20 8.70 -10.98
N LEU B 26 13.12 7.56 -10.33
CA LEU B 26 11.88 7.06 -9.75
C LEU B 26 11.81 7.38 -8.26
N VAL B 27 10.65 7.88 -7.83
CA VAL B 27 10.28 7.79 -6.43
C VAL B 27 9.02 6.91 -6.30
N VAL B 28 8.98 6.09 -5.26
CA VAL B 28 7.88 5.16 -5.11
C VAL B 28 7.57 4.96 -3.62
N LEU B 29 6.31 4.72 -3.29
CA LEU B 29 5.98 4.43 -1.91
C LEU B 29 6.01 2.92 -1.76
N ASP B 30 6.93 2.40 -0.95
CA ASP B 30 6.92 0.97 -0.65
C ASP B 30 6.18 0.71 0.65
N VAL B 31 5.18 -0.16 0.61
CA VAL B 31 4.51 -0.58 1.82
C VAL B 31 5.05 -1.96 2.14
N ILE B 32 5.75 -2.08 3.27
CA ILE B 32 6.50 -3.27 3.62
C ILE B 32 5.91 -4.01 4.83
N SER B 33 5.46 -5.24 4.60
CA SER B 33 4.81 -6.03 5.63
C SER B 33 5.63 -7.26 5.99
N LEU B 34 5.87 -7.45 7.29
CA LEU B 34 6.52 -8.67 7.75
C LEU B 34 5.47 -9.68 8.22
N VAL B 35 5.55 -10.90 7.74
CA VAL B 35 4.51 -11.87 8.09
C VAL B 35 5.05 -13.18 8.68
N ASP B 36 4.26 -13.80 9.55
CA ASP B 36 4.57 -15.15 10.06
C ASP B 36 4.88 -16.07 8.90
N LYS B 37 3.85 -16.34 8.11
CA LYS B 37 3.98 -17.16 6.92
C LYS B 37 3.31 -16.46 5.73
N TYR B 38 3.78 -16.76 4.54
CA TYR B 38 3.17 -16.27 3.31
C TYR B 38 1.69 -16.68 3.23
N PRO B 39 0.80 -15.69 3.05
CA PRO B 39 -0.65 -15.91 3.09
C PRO B 39 -1.12 -16.66 1.85
N LYS B 40 -2.02 -17.61 2.03
CA LYS B 40 -2.65 -18.28 0.91
C LYS B 40 -3.60 -17.29 0.20
N GLU B 41 -3.61 -17.31 -1.13
CA GLU B 41 -4.52 -16.47 -1.90
C GLU B 41 -5.90 -16.50 -1.27
N ASP B 42 -6.58 -15.35 -1.29
CA ASP B 42 -7.94 -15.25 -0.78
C ASP B 42 -8.03 -15.37 0.74
N SER B 43 -6.90 -15.26 1.43
CA SER B 43 -6.93 -15.29 2.90
C SER B 43 -6.80 -13.88 3.48
N GLU B 44 -7.12 -13.76 4.77
CA GLU B 44 -6.86 -12.53 5.47
C GLU B 44 -5.92 -12.83 6.64
N ILE B 45 -4.88 -12.03 6.79
CA ILE B 45 -3.95 -12.22 7.90
C ILE B 45 -3.50 -10.93 8.58
N ARG B 46 -2.84 -11.09 9.71
CA ARG B 46 -2.29 -9.99 10.45
C ARG B 46 -0.77 -10.06 10.31
N CYS B 47 -0.17 -8.96 9.89
CA CYS B 47 1.28 -8.89 9.78
C CYS B 47 1.88 -8.70 11.16
N LEU B 48 3.15 -9.08 11.32
CA LEU B 48 3.88 -8.84 12.55
C LEU B 48 4.12 -7.34 12.71
N SER B 49 4.54 -6.70 11.63
CA SER B 49 4.70 -5.25 11.59
C SER B 49 4.58 -4.75 10.16
N GLN B 50 4.34 -3.45 10.02
CA GLN B 50 4.25 -2.85 8.69
C GLN B 50 4.94 -1.50 8.69
N ARG B 51 5.53 -1.15 7.56
CA ARG B 51 6.31 0.07 7.45
C ARG B 51 6.02 0.73 6.09
N TRP B 52 5.93 2.05 6.08
CA TRP B 52 5.80 2.81 4.83
C TRP B 52 7.10 3.53 4.57
N GLN B 53 7.68 3.31 3.40
CA GLN B 53 9.00 3.82 3.07
C GLN B 53 9.04 4.46 1.69
N ARG B 54 9.66 5.63 1.59
CA ARG B 54 9.95 6.21 0.30
C ARG B 54 11.11 5.44 -0.34
N GLY B 55 10.95 5.00 -1.58
CA GLY B 55 11.98 4.23 -2.25
C GLY B 55 12.24 4.70 -3.68
N GLY B 56 12.99 3.91 -4.46
CA GLY B 56 13.36 4.30 -5.80
C GLY B 56 14.79 4.79 -5.83
N ASN B 57 15.52 4.45 -6.88
CA ASN B 57 16.96 4.70 -6.93
C ASN B 57 17.41 6.16 -6.84
N ALA B 58 16.88 7.03 -7.70
CA ALA B 58 17.24 8.44 -7.59
C ALA B 58 16.73 8.95 -6.25
N SER B 59 15.58 8.44 -5.83
CA SER B 59 15.03 8.87 -4.56
C SER B 59 15.99 8.58 -3.40
N ASN B 60 16.43 7.33 -3.26
CA ASN B 60 17.35 6.96 -2.16
C ASN B 60 18.67 7.71 -2.21
N SER B 61 19.19 7.94 -3.41
CA SER B 61 20.44 8.69 -3.54
C SER B 61 20.32 10.08 -2.96
N CYS B 62 19.17 10.74 -3.16
CA CYS B 62 18.96 12.09 -2.62
C CYS B 62 19.05 12.12 -1.11
N THR B 63 18.33 11.19 -0.48
CA THR B 63 18.36 11.06 0.96
C THR B 63 19.82 11.01 1.43
N VAL B 64 20.65 10.19 0.75
CA VAL B 64 22.04 10.03 1.17
C VAL B 64 22.88 11.29 0.89
N LEU B 65 22.77 11.85 -0.31
CA LEU B 65 23.39 13.15 -0.58
C LEU B 65 23.03 14.19 0.48
N SER B 66 21.78 14.26 0.91
CA SER B 66 21.46 15.23 1.96
C SER B 66 22.16 14.94 3.28
N LEU B 67 22.06 13.69 3.74
CA LEU B 67 22.74 13.27 4.97
C LEU B 67 24.27 13.47 4.92
N LEU B 68 24.86 13.42 3.73
CA LEU B 68 26.28 13.68 3.58
C LEU B 68 26.62 15.18 3.60
N GLY B 69 25.62 16.06 3.49
CA GLY B 69 25.86 17.51 3.54
C GLY B 69 25.88 18.19 2.18
N ALA B 70 25.38 17.52 1.15
CA ALA B 70 25.25 18.14 -0.17
C ALA B 70 23.83 18.66 -0.38
N PRO B 71 23.68 19.93 -0.82
CA PRO B 71 22.37 20.39 -1.30
C PRO B 71 21.93 19.50 -2.46
N CYS B 72 20.72 18.97 -2.45
CA CYS B 72 20.34 18.13 -3.58
C CYS B 72 18.89 18.20 -3.86
N ALA B 73 18.55 17.94 -5.12
CA ALA B 73 17.21 18.09 -5.64
C ALA B 73 16.85 16.78 -6.28
N PHE B 74 15.56 16.51 -6.35
CA PHE B 74 15.07 15.32 -7.00
C PHE B 74 14.19 15.73 -8.16
N MET B 75 14.35 15.06 -9.28
CA MET B 75 13.44 15.25 -10.38
C MET B 75 12.80 13.93 -10.83
N GLY B 76 11.51 13.84 -10.65
CA GLY B 76 10.76 12.67 -11.07
C GLY B 76 9.29 13.05 -11.14
N SER B 77 8.47 12.09 -11.53
CA SER B 77 7.07 12.34 -11.75
C SER B 77 6.26 11.93 -10.55
N MET B 78 5.29 12.76 -10.21
CA MET B 78 4.27 12.38 -9.25
C MET B 78 2.91 12.87 -9.73
N ALA B 79 1.86 12.33 -9.14
CA ALA B 79 0.52 12.84 -9.37
C ALA B 79 -0.04 13.30 -8.05
N PRO B 80 -0.73 14.45 -8.06
CA PRO B 80 -1.39 14.97 -6.86
C PRO B 80 -2.17 13.86 -6.22
N GLY B 81 -2.19 13.78 -4.90
CA GLY B 81 -2.87 12.70 -4.23
C GLY B 81 -2.23 12.47 -2.89
N HIS B 82 -2.74 11.53 -2.13
CA HIS B 82 -2.24 11.31 -0.78
C HIS B 82 -0.90 10.57 -0.74
N VAL B 83 -0.61 9.80 -1.78
CA VAL B 83 0.66 9.08 -1.84
C VAL B 83 1.76 10.10 -2.09
N ALA B 84 1.50 11.02 -3.02
CA ALA B 84 2.46 12.09 -3.31
C ALA B 84 2.73 12.91 -2.04
N ASP B 85 1.69 13.19 -1.26
CA ASP B 85 1.88 13.98 -0.05
C ASP B 85 2.83 13.30 0.93
N PHE B 86 2.65 11.99 1.12
CA PHE B 86 3.57 11.25 1.98
C PHE B 86 5.02 11.25 1.46
N LEU B 87 5.20 11.00 0.16
CA LEU B 87 6.52 11.03 -0.45
C LEU B 87 7.19 12.42 -0.37
N VAL B 88 6.40 13.46 -0.51
CA VAL B 88 6.94 14.81 -0.51
C VAL B 88 7.40 15.20 0.89
N ALA B 89 6.59 14.85 1.89
CA ALA B 89 6.97 15.14 3.27
C ALA B 89 8.15 14.28 3.68
N ASP B 90 8.29 13.10 3.09
CA ASP B 90 9.44 12.28 3.42
C ASP B 90 10.70 12.86 2.80
N PHE B 91 10.63 13.28 1.55
CA PHE B 91 11.73 14.04 0.93
C PHE B 91 12.14 15.19 1.84
N ARG B 92 11.16 16.00 2.25
CA ARG B 92 11.41 17.16 3.09
C ARG B 92 12.03 16.76 4.43
N ARG B 93 11.53 15.68 5.00
CA ARG B 93 12.09 15.17 6.23
C ARG B 93 13.59 14.96 6.08
N ARG B 94 14.02 14.63 4.87
CA ARG B 94 15.43 14.41 4.57
C ARG B 94 16.15 15.61 3.91
N GLY B 95 15.51 16.77 3.81
CA GLY B 95 16.20 17.93 3.28
C GLY B 95 16.33 17.95 1.77
N VAL B 96 15.49 17.18 1.09
CA VAL B 96 15.58 17.14 -0.35
C VAL B 96 14.67 18.20 -0.98
N ASP B 97 15.22 18.93 -1.94
CA ASP B 97 14.50 19.98 -2.65
C ASP B 97 13.64 19.33 -3.72
N VAL B 98 12.32 19.46 -3.60
CA VAL B 98 11.40 18.82 -4.55
C VAL B 98 10.79 19.76 -5.60
N SER B 99 11.34 20.97 -5.70
CA SER B 99 10.80 21.96 -6.61
C SER B 99 10.90 21.56 -8.09
N GLN B 100 11.64 20.51 -8.41
CA GLN B 100 11.76 20.11 -9.80
C GLN B 100 10.85 18.95 -10.14
N VAL B 101 9.99 18.58 -9.21
CA VAL B 101 9.11 17.45 -9.50
C VAL B 101 8.28 17.75 -10.75
N ALA B 102 8.03 16.73 -11.56
CA ALA B 102 7.15 16.87 -12.71
C ALA B 102 5.78 16.29 -12.38
N TRP B 103 4.88 17.16 -11.92
CA TRP B 103 3.52 16.76 -11.57
C TRP B 103 2.72 16.40 -12.80
N GLN B 104 2.06 15.25 -12.73
CA GLN B 104 1.35 14.68 -13.86
C GLN B 104 -0.15 14.70 -13.63
N SER B 105 -0.90 14.83 -14.72
CA SER B 105 -2.36 14.90 -14.62
C SER B 105 -2.94 13.51 -14.86
N LYS B 106 -2.11 12.60 -15.36
CA LYS B 106 -2.52 11.25 -15.70
C LYS B 106 -1.67 10.19 -14.97
N GLY B 107 -2.33 9.28 -14.27
CA GLY B 107 -1.64 8.13 -13.71
C GLY B 107 -1.53 8.11 -12.19
N ASP B 108 -1.04 6.97 -11.67
CA ASP B 108 -0.84 6.78 -10.24
C ASP B 108 0.56 7.18 -9.83
N THR B 109 0.69 7.69 -8.62
CA THR B 109 2.01 7.80 -8.04
C THR B 109 2.42 6.38 -7.67
N PRO B 110 3.61 5.96 -8.11
CA PRO B 110 4.07 4.58 -7.98
C PRO B 110 3.97 4.10 -6.55
N SER B 111 3.40 2.92 -6.36
CA SER B 111 3.31 2.34 -5.06
C SER B 111 3.56 0.83 -5.15
N SER B 112 4.57 0.34 -4.45
CA SER B 112 4.88 -1.09 -4.43
C SER B 112 4.51 -1.70 -3.09
N CYS B 113 4.03 -2.93 -3.14
CA CYS B 113 3.71 -3.69 -1.95
C CYS B 113 4.75 -4.80 -1.81
N CYS B 114 5.26 -4.98 -0.61
CA CYS B 114 6.39 -5.86 -0.37
C CYS B 114 6.16 -6.75 0.86
N ILE B 115 6.21 -8.06 0.67
CA ILE B 115 5.90 -8.99 1.75
C ILE B 115 7.11 -9.81 2.12
N ILE B 116 7.48 -9.73 3.38
CA ILE B 116 8.67 -10.39 3.88
C ILE B 116 8.26 -11.51 4.83
N ASN B 117 8.77 -12.71 4.56
CA ASN B 117 8.49 -13.88 5.40
C ASN B 117 9.45 -13.94 6.56
N ASN B 118 8.93 -13.85 7.78
CA ASN B 118 9.75 -13.86 8.98
C ASN B 118 10.36 -15.23 9.26
N SER B 119 9.74 -16.28 8.71
CA SER B 119 10.20 -17.66 8.92
C SER B 119 10.89 -18.28 7.68
N ASN B 120 11.74 -17.50 7.02
CA ASN B 120 12.61 -17.96 5.92
C ASN B 120 13.21 -16.80 5.12
N GLY B 121 12.71 -15.59 5.37
CA GLY B 121 13.31 -14.37 4.86
C GLY B 121 12.98 -13.92 3.45
N ASN B 122 12.36 -14.79 2.65
CA ASN B 122 12.07 -14.45 1.26
C ASN B 122 11.23 -13.18 1.12
N ARG B 123 11.49 -12.45 0.03
CA ARG B 123 10.71 -11.26 -0.30
C ARG B 123 9.84 -11.53 -1.49
N THR B 124 8.54 -11.29 -1.32
CA THR B 124 7.59 -11.34 -2.43
C THR B 124 7.20 -9.90 -2.72
N ILE B 125 7.16 -9.51 -3.99
CA ILE B 125 6.90 -8.10 -4.30
C ILE B 125 5.84 -7.88 -5.38
N VAL B 126 4.82 -7.08 -5.05
CA VAL B 126 3.92 -6.55 -6.07
C VAL B 126 4.40 -5.16 -6.48
N LEU B 127 4.86 -5.05 -7.72
CA LEU B 127 5.49 -3.84 -8.22
C LEU B 127 4.45 -2.84 -8.68
N HIS B 128 4.78 -1.56 -8.51
CA HIS B 128 3.90 -0.45 -8.84
C HIS B 128 3.49 -0.48 -10.30
N ASP B 129 2.26 0.00 -10.58
CA ASP B 129 1.76 -0.06 -11.95
C ASP B 129 2.55 0.90 -12.85
N THR B 130 2.33 0.80 -14.14
CA THR B 130 3.15 1.53 -15.09
C THR B 130 2.41 2.74 -15.66
N SER B 131 1.41 3.23 -14.93
CA SER B 131 0.48 4.24 -15.46
C SER B 131 1.00 5.67 -15.46
N LEU B 132 1.88 6.01 -14.53
CA LEU B 132 2.41 7.37 -14.47
C LEU B 132 3.47 7.58 -15.55
N PRO B 133 3.39 8.71 -16.26
CA PRO B 133 4.35 9.06 -17.33
C PRO B 133 5.70 9.54 -16.81
N ASP B 134 6.78 8.94 -17.30
CA ASP B 134 8.13 9.38 -16.93
C ASP B 134 8.37 10.85 -17.27
N VAL B 135 9.41 11.43 -16.70
CA VAL B 135 9.79 12.80 -17.05
C VAL B 135 10.27 12.82 -18.49
N SER B 136 9.75 13.73 -19.32
CA SER B 136 10.16 13.76 -20.72
C SER B 136 11.27 14.76 -20.98
N ALA B 137 11.81 14.73 -22.20
CA ALA B 137 12.89 15.64 -22.56
C ALA B 137 12.35 17.07 -22.63
N THR B 138 11.08 17.19 -22.99
CA THR B 138 10.51 18.52 -23.05
C THR B 138 10.29 19.08 -21.63
N ASP B 139 9.95 18.23 -20.67
CA ASP B 139 9.92 18.69 -19.28
C ASP B 139 11.33 19.17 -18.92
N PHE B 140 12.33 18.35 -19.23
CA PHE B 140 13.71 18.68 -18.88
C PHE B 140 14.22 19.99 -19.54
N GLU B 141 13.75 20.27 -20.74
CA GLU B 141 14.05 21.53 -21.43
C GLU B 141 13.66 22.71 -20.56
N LYS B 142 12.59 22.56 -19.78
CA LYS B 142 12.09 23.67 -18.97
C LYS B 142 12.92 24.01 -17.72
N VAL B 143 13.92 23.18 -17.41
CA VAL B 143 14.68 23.34 -16.17
C VAL B 143 15.89 24.24 -16.38
N ASP B 144 16.01 25.28 -15.57
CA ASP B 144 17.20 26.08 -15.63
C ASP B 144 18.26 25.27 -14.91
N LEU B 145 19.29 24.92 -15.64
CA LEU B 145 20.36 24.07 -15.17
C LEU B 145 21.38 24.80 -14.28
N THR B 146 21.42 26.13 -14.29
CA THR B 146 22.54 26.79 -13.59
C THR B 146 22.68 26.49 -12.09
N GLN B 147 21.64 25.97 -11.44
CA GLN B 147 21.72 25.64 -10.00
C GLN B 147 22.55 24.37 -9.73
N PHE B 148 22.86 23.62 -10.77
CA PHE B 148 23.43 22.29 -10.60
C PHE B 148 24.91 22.22 -10.94
N LYS B 149 25.68 21.65 -10.01
CA LYS B 149 27.08 21.32 -10.27
C LYS B 149 27.22 19.90 -10.76
N TRP B 150 26.22 19.05 -10.49
CA TRP B 150 26.26 17.65 -10.90
C TRP B 150 24.86 17.19 -11.22
N ILE B 151 24.68 16.49 -12.34
CA ILE B 151 23.38 15.86 -12.59
C ILE B 151 23.50 14.36 -12.77
N HIS B 152 22.71 13.59 -12.03
CA HIS B 152 22.77 12.14 -12.04
C HIS B 152 21.45 11.56 -12.54
N ILE B 153 21.52 10.62 -13.48
CA ILE B 153 20.32 10.13 -14.14
C ILE B 153 20.16 8.61 -14.04
N GLU B 154 19.06 8.18 -13.43
CA GLU B 154 18.74 6.77 -13.33
C GLU B 154 18.04 6.35 -14.59
N GLY B 155 18.72 5.58 -15.43
CA GLY B 155 18.15 5.14 -16.70
C GLY B 155 16.80 4.45 -16.62
N ARG B 156 15.79 5.05 -17.25
CA ARG B 156 14.47 4.42 -17.27
C ARG B 156 13.92 4.51 -18.67
N ASN B 157 13.62 5.72 -19.11
CA ASN B 157 13.12 5.94 -20.47
C ASN B 157 14.22 6.53 -21.36
N ALA B 158 15.05 5.65 -21.90
CA ALA B 158 16.34 6.07 -22.45
C ALA B 158 16.22 6.96 -23.67
N SER B 159 15.30 6.62 -24.57
CA SER B 159 15.14 7.44 -25.76
C SER B 159 15.05 8.92 -25.34
N GLU B 160 14.24 9.19 -24.32
CA GLU B 160 14.04 10.54 -23.82
C GLU B 160 15.22 11.07 -23.01
N GLN B 161 15.84 10.19 -22.23
CA GLN B 161 16.93 10.62 -21.34
C GLN B 161 18.17 11.00 -22.13
N VAL B 162 18.39 10.31 -23.26
CA VAL B 162 19.44 10.70 -24.19
C VAL B 162 19.31 12.16 -24.64
N LYS B 163 18.09 12.58 -24.94
CA LYS B 163 17.87 14.00 -25.27
C LYS B 163 18.28 14.91 -24.09
N MET B 164 17.82 14.59 -22.88
CA MET B 164 18.23 15.35 -21.70
C MET B 164 19.76 15.48 -21.57
N LEU B 165 20.45 14.35 -21.74
CA LEU B 165 21.91 14.32 -21.68
C LEU B 165 22.50 15.17 -22.81
N GLN B 166 21.96 15.07 -24.02
CA GLN B 166 22.42 15.95 -25.08
C GLN B 166 22.24 17.44 -24.72
N ARG B 167 21.17 17.78 -23.99
CA ARG B 167 20.96 19.18 -23.60
C ARG B 167 22.05 19.67 -22.64
N ILE B 168 22.45 18.78 -21.73
CA ILE B 168 23.50 19.11 -20.77
C ILE B 168 24.85 19.26 -21.47
N ASP B 169 25.07 18.46 -22.52
CA ASP B 169 26.27 18.65 -23.34
C ASP B 169 26.29 20.03 -23.95
N ALA B 170 25.19 20.37 -24.64
CA ALA B 170 25.01 21.70 -25.22
C ALA B 170 25.38 22.77 -24.21
N HIS B 171 24.71 22.71 -23.06
CA HIS B 171 24.96 23.68 -22.01
C HIS B 171 26.43 23.77 -21.63
N ASN B 172 27.08 22.64 -21.44
CA ASN B 172 28.47 22.64 -21.00
C ASN B 172 29.44 23.24 -22.01
N THR B 173 29.07 23.12 -23.28
CA THR B 173 29.87 23.68 -24.37
C THR B 173 30.19 25.16 -24.14
N ARG B 174 29.15 25.96 -23.94
CA ARG B 174 29.31 27.37 -23.55
C ARG B 174 29.62 27.51 -22.06
N GLN B 175 30.76 27.02 -21.58
CA GLN B 175 31.10 27.16 -20.14
C GLN B 175 32.56 26.86 -19.87
N PRO B 176 33.19 27.69 -19.03
CA PRO B 176 34.54 27.40 -18.54
C PRO B 176 34.56 26.05 -17.82
N PRO B 177 35.72 25.38 -17.77
CA PRO B 177 35.83 24.06 -17.13
C PRO B 177 35.37 24.04 -15.67
N GLU B 178 35.18 25.21 -15.08
CA GLU B 178 34.77 25.31 -13.68
C GLU B 178 33.34 25.81 -13.52
N GLN B 179 32.52 25.56 -14.53
CA GLN B 179 31.09 25.82 -14.45
C GLN B 179 30.42 24.81 -15.36
N LYS B 180 31.22 23.84 -15.78
CA LYS B 180 30.71 22.69 -16.49
C LYS B 180 30.07 21.79 -15.45
N ILE B 181 28.87 21.31 -15.78
CA ILE B 181 28.08 20.43 -14.93
C ILE B 181 28.57 18.99 -15.12
N ARG B 182 29.10 18.34 -14.08
CA ARG B 182 29.46 16.91 -14.21
C ARG B 182 28.18 16.07 -14.33
N VAL B 183 28.27 14.91 -14.99
CA VAL B 183 27.09 14.07 -15.25
C VAL B 183 27.37 12.60 -14.99
N SER B 184 26.46 11.94 -14.27
CA SER B 184 26.59 10.52 -14.03
C SER B 184 25.34 9.82 -14.46
N VAL B 185 25.50 8.56 -14.87
CA VAL B 185 24.39 7.77 -15.37
C VAL B 185 24.37 6.39 -14.70
N GLU B 186 23.19 5.84 -14.53
CA GLU B 186 23.06 4.56 -13.84
C GLU B 186 22.21 3.61 -14.68
N VAL B 187 22.81 2.49 -15.09
CA VAL B 187 22.12 1.45 -15.83
C VAL B 187 21.99 0.27 -14.91
N GLU B 188 20.81 0.05 -14.34
CA GLU B 188 20.70 -0.93 -13.27
C GLU B 188 19.75 -2.09 -13.59
N LYS B 189 19.02 -1.97 -14.70
CA LYS B 189 18.13 -3.03 -15.11
C LYS B 189 18.55 -3.58 -16.47
N PRO B 190 18.51 -4.90 -16.62
CA PRO B 190 18.99 -5.55 -17.84
C PRO B 190 18.00 -5.34 -18.99
N ARG B 191 17.91 -4.13 -19.54
CA ARG B 191 16.99 -3.86 -20.64
C ARG B 191 17.72 -3.22 -21.80
N GLU B 192 17.61 -3.83 -22.98
CA GLU B 192 18.24 -3.27 -24.18
C GLU B 192 18.12 -1.75 -24.28
N GLU B 193 16.89 -1.22 -24.08
CA GLU B 193 16.67 0.22 -24.21
C GLU B 193 17.81 0.99 -23.53
N LEU B 194 18.18 0.54 -22.33
CA LEU B 194 19.13 1.28 -21.48
C LEU B 194 20.56 1.38 -21.99
N PHE B 195 21.03 0.42 -22.76
CA PHE B 195 22.46 0.32 -23.07
C PHE B 195 23.04 1.52 -23.84
N GLN B 196 22.19 2.23 -24.59
CA GLN B 196 22.66 3.42 -25.27
C GLN B 196 23.15 4.45 -24.27
N LEU B 197 22.62 4.37 -23.04
CA LEU B 197 22.98 5.30 -21.99
C LEU B 197 24.45 5.23 -21.58
N PHE B 198 25.13 4.13 -21.92
CA PHE B 198 26.56 4.01 -21.61
C PHE B 198 27.36 5.13 -22.24
N GLY B 199 26.92 5.55 -23.43
CA GLY B 199 27.63 6.53 -24.24
C GLY B 199 27.66 7.94 -23.70
N TYR B 200 26.91 8.19 -22.63
CA TYR B 200 26.75 9.53 -22.07
C TYR B 200 27.21 9.58 -20.61
N GLY B 201 27.58 10.76 -20.15
CA GLY B 201 28.02 10.90 -18.78
C GLY B 201 29.52 10.76 -18.63
N ASP B 202 30.05 11.42 -17.61
CA ASP B 202 31.42 11.31 -17.16
C ASP B 202 31.63 10.08 -16.28
N VAL B 203 30.58 9.73 -15.54
CA VAL B 203 30.61 8.57 -14.68
C VAL B 203 29.40 7.71 -15.03
N VAL B 204 29.63 6.42 -15.23
CA VAL B 204 28.58 5.47 -15.59
C VAL B 204 28.60 4.29 -14.61
N PHE B 205 27.58 4.18 -13.77
CA PHE B 205 27.43 3.06 -12.86
C PHE B 205 26.67 1.93 -13.56
N VAL B 206 27.29 0.74 -13.60
CA VAL B 206 26.58 -0.43 -14.08
C VAL B 206 26.38 -1.38 -12.90
N SER B 207 25.18 -1.92 -12.76
CA SER B 207 24.88 -2.76 -11.60
C SER B 207 25.38 -4.19 -11.78
N LYS B 208 25.62 -4.90 -10.67
CA LYS B 208 25.98 -6.31 -10.70
C LYS B 208 24.95 -7.13 -11.47
N ASP B 209 23.68 -6.77 -11.34
CA ASP B 209 22.62 -7.50 -12.01
C ASP B 209 22.70 -7.44 -13.53
N VAL B 210 23.09 -6.28 -14.06
CA VAL B 210 23.19 -6.07 -15.49
C VAL B 210 24.41 -6.81 -16.02
N ALA B 211 25.54 -6.68 -15.32
CA ALA B 211 26.77 -7.38 -15.70
C ALA B 211 26.54 -8.87 -15.79
N LYS B 212 25.89 -9.46 -14.80
CA LYS B 212 25.62 -10.89 -14.86
C LYS B 212 24.72 -11.24 -16.04
N HIS B 213 23.62 -10.52 -16.23
CA HIS B 213 22.75 -10.78 -17.38
C HIS B 213 23.46 -10.66 -18.74
N LEU B 214 24.57 -9.93 -18.78
CA LEU B 214 25.39 -9.88 -19.99
C LEU B 214 26.46 -10.98 -20.01
N GLY B 215 26.52 -11.78 -18.95
CA GLY B 215 27.44 -12.91 -18.91
C GLY B 215 28.72 -12.74 -18.09
N PHE B 216 28.99 -11.52 -17.63
CA PHE B 216 30.14 -11.26 -16.78
C PHE B 216 29.96 -11.85 -15.38
N GLN B 217 31.07 -12.27 -14.76
CA GLN B 217 30.99 -12.99 -13.51
C GLN B 217 31.81 -12.33 -12.43
N SER B 218 32.27 -11.12 -12.71
CA SER B 218 32.94 -10.30 -11.70
C SER B 218 32.95 -8.84 -12.14
N ALA B 219 33.25 -7.96 -11.19
CA ALA B 219 33.42 -6.55 -11.49
C ALA B 219 34.48 -6.37 -12.57
N GLU B 220 35.60 -7.08 -12.42
CA GLU B 220 36.71 -6.94 -13.37
C GLU B 220 36.32 -7.32 -14.81
N GLU B 221 35.60 -8.42 -14.97
CA GLU B 221 35.13 -8.81 -16.28
C GLU B 221 34.23 -7.73 -16.88
N ALA B 222 33.24 -7.29 -16.11
CA ALA B 222 32.27 -6.31 -16.60
C ALA B 222 32.95 -5.03 -17.04
N LEU B 223 33.88 -4.54 -16.22
CA LEU B 223 34.50 -3.26 -16.53
C LEU B 223 35.35 -3.40 -17.79
N ARG B 224 36.18 -4.45 -17.81
CA ARG B 224 37.02 -4.70 -18.96
C ARG B 224 36.16 -4.92 -20.20
N GLY B 225 35.04 -5.61 -20.04
CA GLY B 225 34.19 -5.95 -21.17
C GLY B 225 33.26 -4.85 -21.70
N LEU B 226 32.89 -3.88 -20.86
CA LEU B 226 31.94 -2.84 -21.28
C LEU B 226 32.54 -1.47 -21.50
N TYR B 227 33.75 -1.22 -21.00
CA TYR B 227 34.35 0.10 -21.14
C TYR B 227 34.32 0.59 -22.58
N GLY B 228 34.27 -0.35 -23.52
CA GLY B 228 34.19 -0.01 -24.94
C GLY B 228 33.02 0.93 -25.24
N ARG B 229 32.00 0.91 -24.38
CA ARG B 229 30.74 1.55 -24.70
C ARG B 229 30.60 2.96 -24.15
N VAL B 230 31.55 3.40 -23.32
CA VAL B 230 31.44 4.72 -22.71
C VAL B 230 32.12 5.75 -23.57
N ARG B 231 31.78 7.02 -23.38
CA ARG B 231 32.37 8.07 -24.19
C ARG B 231 33.84 8.27 -23.78
N LYS B 232 34.62 8.91 -24.65
CA LYS B 232 36.01 9.21 -24.35
C LYS B 232 36.12 9.92 -23.01
N GLY B 233 36.97 9.39 -22.15
CA GLY B 233 37.33 10.08 -20.92
C GLY B 233 36.43 9.79 -19.75
N ALA B 234 35.39 8.98 -19.98
CA ALA B 234 34.47 8.61 -18.91
C ALA B 234 35.04 7.53 -17.98
N VAL B 235 34.52 7.50 -16.75
CA VAL B 235 34.84 6.48 -15.79
C VAL B 235 33.65 5.57 -15.60
N LEU B 236 33.92 4.26 -15.61
CA LEU B 236 32.87 3.24 -15.51
C LEU B 236 33.08 2.51 -14.18
N VAL B 237 31.99 2.22 -13.50
CA VAL B 237 32.05 1.84 -12.10
C VAL B 237 31.09 0.71 -11.90
N CYS B 238 31.57 -0.35 -11.26
CA CYS B 238 30.76 -1.53 -11.00
C CYS B 238 30.96 -2.05 -9.58
N ALA B 239 29.96 -1.86 -8.73
CA ALA B 239 29.96 -2.36 -7.36
C ALA B 239 29.49 -3.82 -7.38
N TRP B 240 30.02 -4.66 -6.48
CA TRP B 240 29.69 -6.09 -6.50
C TRP B 240 29.53 -6.62 -5.07
N ALA B 241 28.61 -5.99 -4.34
CA ALA B 241 28.23 -6.44 -3.00
C ALA B 241 29.45 -6.68 -2.12
N GLU B 242 29.52 -7.87 -1.52
CA GLU B 242 30.58 -8.17 -0.55
C GLU B 242 31.99 -8.18 -1.16
N GLU B 243 32.09 -8.24 -2.49
CA GLU B 243 33.40 -8.19 -3.14
C GLU B 243 33.94 -6.76 -3.34
N GLY B 244 33.24 -5.76 -2.82
CA GLY B 244 33.66 -4.37 -3.02
C GLY B 244 33.27 -3.81 -4.37
N ALA B 245 34.09 -2.95 -4.93
CA ALA B 245 33.69 -2.23 -6.14
C ALA B 245 34.92 -1.89 -6.95
N ASP B 246 34.77 -1.86 -8.28
CA ASP B 246 35.87 -1.53 -9.18
C ASP B 246 35.55 -0.26 -9.94
N ALA B 247 36.57 0.35 -10.55
CA ALA B 247 36.36 1.48 -11.44
C ALA B 247 37.42 1.52 -12.55
N LEU B 248 37.02 1.87 -13.76
CA LEU B 248 37.98 1.89 -14.85
C LEU B 248 37.90 3.19 -15.66
N GLY B 249 39.01 3.93 -15.68
CA GLY B 249 39.04 5.23 -16.34
C GLY B 249 39.78 5.20 -17.67
N PRO B 250 39.92 6.37 -18.30
CA PRO B 250 40.62 6.49 -19.59
C PRO B 250 42.04 5.92 -19.52
N ASP B 251 42.66 5.93 -18.35
CA ASP B 251 44.07 5.54 -18.32
C ASP B 251 44.23 4.02 -18.31
N GLY B 252 43.13 3.29 -18.48
CA GLY B 252 43.16 1.83 -18.51
C GLY B 252 43.45 1.09 -17.20
N LYS B 253 43.78 1.82 -16.15
CA LYS B 253 44.06 1.19 -14.86
C LYS B 253 42.78 0.83 -14.11
N LEU B 254 42.60 -0.45 -13.80
CA LEU B 254 41.47 -0.92 -12.98
C LEU B 254 41.70 -0.58 -11.51
N LEU B 255 40.77 0.14 -10.91
CA LEU B 255 40.92 0.48 -9.49
C LEU B 255 39.94 -0.34 -8.71
N HIS B 256 40.28 -0.59 -7.46
CA HIS B 256 39.47 -1.47 -6.61
C HIS B 256 39.40 -0.98 -5.18
N SER B 257 38.28 -1.27 -4.52
CA SER B 257 38.23 -1.21 -3.08
C SER B 257 37.49 -2.40 -2.52
N ASP B 258 38.03 -3.00 -1.46
CA ASP B 258 37.27 -4.01 -0.77
C ASP B 258 36.03 -3.39 -0.12
N ALA B 259 35.11 -4.25 0.28
CA ALA B 259 33.93 -3.90 1.02
C ALA B 259 34.33 -3.63 2.47
N PHE B 260 33.47 -2.92 3.19
CA PHE B 260 33.65 -2.75 4.63
C PHE B 260 32.45 -3.35 5.35
N PRO B 261 32.49 -4.66 5.58
CA PRO B 261 31.34 -5.31 6.20
C PRO B 261 31.03 -4.70 7.57
N PRO B 262 29.74 -4.53 7.89
CA PRO B 262 29.34 -4.02 9.21
C PRO B 262 29.50 -5.12 10.28
N PRO B 263 29.42 -4.76 11.57
CA PRO B 263 29.46 -5.79 12.62
C PRO B 263 28.44 -6.87 12.36
N ARG B 264 27.26 -6.49 11.88
CA ARG B 264 26.31 -7.47 11.37
C ARG B 264 25.35 -6.83 10.36
N VAL B 265 25.00 -7.60 9.33
CA VAL B 265 24.13 -7.14 8.25
C VAL B 265 22.65 -7.12 8.66
N VAL B 266 22.00 -5.96 8.48
CA VAL B 266 20.63 -5.71 8.97
C VAL B 266 19.61 -5.33 7.88
N ASP B 267 20.07 -4.52 6.93
CA ASP B 267 19.20 -3.98 5.91
C ASP B 267 20.03 -3.53 4.73
N THR B 268 19.94 -4.24 3.60
CA THR B 268 20.73 -3.91 2.41
C THR B 268 19.91 -3.19 1.35
N LEU B 269 18.60 -3.04 1.57
CA LEU B 269 17.77 -2.27 0.65
C LEU B 269 18.32 -0.83 0.57
N GLY B 270 18.63 -0.39 -0.64
CA GLY B 270 19.17 0.94 -0.85
C GLY B 270 20.67 1.08 -0.69
N ALA B 271 21.37 -0.04 -0.50
CA ALA B 271 22.82 0.00 -0.38
C ALA B 271 23.51 0.39 -1.71
N GLY B 272 23.04 -0.17 -2.81
CA GLY B 272 23.52 0.28 -4.10
C GLY B 272 23.39 1.78 -4.32
N ASP B 273 22.27 2.36 -3.89
CA ASP B 273 22.01 3.78 -4.03
C ASP B 273 22.88 4.57 -3.06
N THR B 274 23.14 4.00 -1.90
CA THR B 274 24.04 4.62 -0.92
C THR B 274 25.45 4.75 -1.47
N PHE B 275 25.92 3.67 -2.09
CA PHE B 275 27.16 3.66 -2.85
C PHE B 275 27.19 4.71 -3.97
N ASN B 276 26.25 4.62 -4.92
CA ASN B 276 26.15 5.63 -5.97
C ASN B 276 26.28 7.07 -5.45
N ALA B 277 25.44 7.41 -4.49
CA ALA B 277 25.41 8.76 -3.98
C ALA B 277 26.74 9.12 -3.36
N SER B 278 27.38 8.15 -2.70
CA SER B 278 28.63 8.42 -1.99
C SER B 278 29.81 8.63 -2.94
N VAL B 279 29.86 7.85 -4.02
CA VAL B 279 30.86 8.08 -5.05
C VAL B 279 30.64 9.46 -5.68
N ILE B 280 29.43 9.73 -6.13
CA ILE B 280 29.08 11.05 -6.69
C ILE B 280 29.51 12.14 -5.73
N PHE B 281 29.08 12.03 -4.48
CA PHE B 281 29.48 13.00 -3.49
C PHE B 281 31.01 13.21 -3.49
N SER B 282 31.76 12.14 -3.24
CA SER B 282 33.20 12.22 -3.17
C SER B 282 33.84 12.86 -4.43
N LEU B 283 33.43 12.40 -5.61
CA LEU B 283 33.96 13.02 -6.81
C LEU B 283 33.65 14.52 -6.84
N SER B 284 32.49 14.91 -6.33
CA SER B 284 32.09 16.31 -6.48
C SER B 284 32.88 17.21 -5.52
N GLN B 285 33.34 16.66 -4.40
CA GLN B 285 34.27 17.35 -3.52
C GLN B 285 35.70 17.40 -4.07
N GLY B 286 35.91 16.97 -5.32
CA GLY B 286 37.25 16.95 -5.90
C GLY B 286 38.15 15.75 -5.58
N ARG B 287 37.62 14.74 -4.90
CA ARG B 287 38.45 13.60 -4.53
C ARG B 287 38.81 12.74 -5.76
N SER B 288 39.86 11.94 -5.64
CA SER B 288 40.24 11.09 -6.75
C SER B 288 39.25 9.95 -6.83
N VAL B 289 39.18 9.30 -7.98
CA VAL B 289 38.32 8.15 -8.18
C VAL B 289 38.60 7.03 -7.16
N GLN B 290 39.86 6.84 -6.82
CA GLN B 290 40.24 5.81 -5.88
C GLN B 290 39.69 6.14 -4.51
N GLU B 291 39.86 7.39 -4.08
CA GLU B 291 39.41 7.84 -2.76
C GLU B 291 37.88 7.65 -2.72
N ALA B 292 37.23 7.88 -3.87
CA ALA B 292 35.77 7.86 -3.95
C ALA B 292 35.18 6.47 -4.02
N LEU B 293 35.91 5.52 -4.60
CA LEU B 293 35.47 4.12 -4.59
C LEU B 293 35.43 3.68 -3.15
N ARG B 294 36.48 4.04 -2.43
CA ARG B 294 36.68 3.58 -1.06
C ARG B 294 35.53 4.08 -0.21
N PHE B 295 35.35 5.40 -0.28
CA PHE B 295 34.30 6.07 0.46
C PHE B 295 32.92 5.47 0.16
N GLY B 296 32.61 5.30 -1.13
CA GLY B 296 31.38 4.63 -1.52
C GLY B 296 31.21 3.32 -0.78
N CYS B 297 32.28 2.53 -0.74
CA CYS B 297 32.27 1.24 -0.06
C CYS B 297 32.13 1.39 1.45
N GLN B 298 32.88 2.31 2.06
CA GLN B 298 32.71 2.54 3.48
C GLN B 298 31.24 2.83 3.81
N VAL B 299 30.62 3.76 3.08
CA VAL B 299 29.30 4.26 3.45
C VAL B 299 28.23 3.21 3.23
N ALA B 300 28.29 2.54 2.09
CA ALA B 300 27.34 1.48 1.77
C ALA B 300 27.49 0.32 2.74
N GLY B 301 28.68 0.14 3.30
CA GLY B 301 28.93 -0.93 4.24
C GLY B 301 28.35 -0.63 5.61
N LYS B 302 28.61 0.58 6.10
CA LYS B 302 27.94 1.10 7.28
C LYS B 302 26.42 1.00 7.12
N LYS B 303 25.88 1.39 5.97
CA LYS B 303 24.43 1.37 5.77
C LYS B 303 23.85 -0.04 5.87
N CYS B 304 24.66 -1.02 5.49
CA CYS B 304 24.25 -2.42 5.52
C CYS B 304 24.02 -2.91 6.95
N GLY B 305 24.70 -2.31 7.92
CA GLY B 305 24.50 -2.66 9.31
C GLY B 305 23.39 -1.87 9.98
N LEU B 306 22.71 -1.03 9.22
CA LEU B 306 21.71 -0.12 9.80
C LEU B 306 20.34 -0.32 9.22
N GLN B 307 19.32 -0.05 10.03
CA GLN B 307 17.98 -0.03 9.50
C GLN B 307 17.72 1.34 8.84
N GLY B 308 17.36 1.31 7.57
CA GLY B 308 17.17 2.54 6.82
C GLY B 308 18.47 3.31 6.71
N PHE B 309 18.36 4.62 6.50
CA PHE B 309 19.52 5.47 6.25
C PHE B 309 19.97 6.27 7.45
N ASP B 310 19.23 6.18 8.54
CA ASP B 310 19.49 7.02 9.70
C ASP B 310 20.95 7.11 10.16
N GLY B 311 21.51 6.04 10.70
CA GLY B 311 22.81 6.17 11.32
C GLY B 311 24.04 6.20 10.42
N ILE B 312 23.85 6.39 9.11
CA ILE B 312 25.02 6.33 8.21
C ILE B 312 25.92 7.54 8.42
N VAL B 313 25.41 8.54 9.16
CA VAL B 313 26.08 9.85 9.31
C VAL B 313 27.21 10.05 8.31
#